data_3VOS
#
_entry.id   3VOS
#
_cell.length_a   267.370
_cell.length_b   267.370
_cell.length_c   267.370
_cell.angle_alpha   90.00
_cell.angle_beta   90.00
_cell.angle_gamma   90.00
#
_symmetry.space_group_name_H-M   'F 4 3 2'
#
loop_
_entity.id
_entity.type
_entity.pdbx_description
1 polymer 'Aspartate-semialdehyde dehydrogenase'
2 non-polymer GLYCEROL
3 non-polymer 'SULFATE ION'
4 water water
#
_entity_poly.entity_id   1
_entity_poly.type   'polypeptide(L)'
_entity_poly.pdbx_seq_one_letter_code
;MRGSHHHHHHGSACELGTGLSIGIVGATGQVGQVMRTLLDERDFPASAVRFFASARSQGRKLAFRGQEIEVEDAETADPS
GLDIALFSAGSAMSKVQAPRFAAAGVTVIDNSSAWRKDPDVPLVVSEVNFERDAHRRPKGIIANPNCTTMAAMPVLKVLH
DEARLVRLVVSSYQAVSGSGLAGVAELAEQARAVIGGAEQLVYDGGALEFPPPNTYVAPIAFNVVPLAGSLVDDGSGETD
EDQKLRFESRKILGIPDLLVSGTCVRVPVFTGHSLSINAEFAQPLSPERARELLDGATGVQLVDVPTPLAAAGVDESLVG
RIRRDPGVPDGRGLALFVSGDNLRKGAALNTIQIAELLTADL
;
_entity_poly.pdbx_strand_id   A
#
# COMPACT_ATOMS: atom_id res chain seq x y z
N THR A 18 22.32 17.87 -0.70
CA THR A 18 22.65 16.88 0.37
C THR A 18 23.80 15.94 -0.04
N GLY A 19 23.85 15.59 -1.33
CA GLY A 19 24.82 14.61 -1.83
C GLY A 19 24.46 13.20 -1.39
N LEU A 20 23.17 12.99 -1.12
CA LEU A 20 22.63 11.70 -0.75
C LEU A 20 22.70 10.69 -1.90
N SER A 21 23.06 9.46 -1.57
CA SER A 21 23.13 8.37 -2.55
C SER A 21 22.01 7.35 -2.31
N ILE A 22 21.21 7.08 -3.34
CA ILE A 22 20.06 6.20 -3.22
C ILE A 22 20.00 5.07 -4.26
N GLY A 23 19.64 3.88 -3.80
CA GLY A 23 19.47 2.71 -4.67
C GLY A 23 18.03 2.23 -4.72
N ILE A 24 17.64 1.62 -5.83
CA ILE A 24 16.35 0.96 -5.95
C ILE A 24 16.59 -0.50 -6.31
N VAL A 25 16.12 -1.40 -5.44
CA VAL A 25 16.25 -2.83 -5.65
C VAL A 25 14.90 -3.38 -6.10
N GLY A 26 14.90 -3.99 -7.29
CA GLY A 26 13.65 -4.36 -7.97
C GLY A 26 13.14 -3.19 -8.80
N ALA A 27 14.03 -2.60 -9.59
CA ALA A 27 13.75 -1.36 -10.31
C ALA A 27 12.82 -1.51 -11.54
N THR A 28 12.67 -2.72 -12.05
CA THR A 28 11.87 -2.92 -13.25
C THR A 28 10.39 -3.28 -13.01
N GLY A 29 10.02 -3.56 -11.76
CA GLY A 29 8.62 -3.84 -11.44
C GLY A 29 7.78 -2.57 -11.46
N GLN A 30 6.47 -2.73 -11.34
CA GLN A 30 5.56 -1.57 -11.31
C GLN A 30 5.92 -0.58 -10.22
N VAL A 31 6.15 -1.10 -9.01
CA VAL A 31 6.51 -0.22 -7.90
C VAL A 31 7.86 0.45 -8.16
N GLY A 32 8.83 -0.33 -8.65
CA GLY A 32 10.14 0.20 -9.02
C GLY A 32 10.02 1.34 -10.02
N GLN A 33 9.15 1.16 -11.02
CA GLN A 33 8.86 2.19 -12.01
CA GLN A 33 8.87 2.20 -12.01
C GLN A 33 8.27 3.45 -11.37
N VAL A 34 7.33 3.26 -10.44
CA VAL A 34 6.75 4.42 -9.77
C VAL A 34 7.79 5.14 -8.90
N MET A 35 8.65 4.37 -8.22
CA MET A 35 9.76 4.97 -7.46
C MET A 35 10.61 5.86 -8.36
N ARG A 36 10.98 5.33 -9.53
CA ARG A 36 11.79 6.09 -10.50
C ARG A 36 11.09 7.37 -10.97
N THR A 37 9.81 7.24 -11.34
CA THR A 37 9.03 8.42 -11.73
C THR A 37 9.00 9.46 -10.61
N LEU A 38 8.81 9.00 -9.37
CA LEU A 38 8.70 9.92 -8.24
C LEU A 38 10.03 10.57 -7.85
N LEU A 39 11.12 9.80 -7.87
CA LEU A 39 12.45 10.39 -7.70
C LEU A 39 12.70 11.51 -8.72
N ASP A 40 12.35 11.24 -9.97
CA ASP A 40 12.46 12.22 -11.04
C ASP A 40 11.58 13.43 -10.74
N GLU A 41 10.29 13.20 -10.48
CA GLU A 41 9.37 14.31 -10.23
C GLU A 41 9.76 15.21 -9.03
N ARG A 42 10.71 14.74 -8.22
CA ARG A 42 11.35 15.57 -7.18
C ARG A 42 12.75 16.10 -7.55
N ASP A 43 13.07 16.10 -8.84
CA ASP A 43 14.35 16.59 -9.35
C ASP A 43 15.58 16.02 -8.65
N PHE A 44 15.56 14.72 -8.37
CA PHE A 44 16.74 14.09 -7.76
C PHE A 44 17.79 13.78 -8.80
N PRO A 45 19.06 14.19 -8.54
CA PRO A 45 20.14 14.03 -9.52
C PRO A 45 20.31 12.59 -9.98
N ALA A 46 20.45 12.40 -11.29
CA ALA A 46 20.70 11.08 -11.88
C ALA A 46 22.02 10.49 -11.38
N SER A 47 22.98 11.38 -11.08
CA SER A 47 24.33 10.99 -10.67
C SER A 47 24.39 10.30 -9.30
N ALA A 48 23.33 10.43 -8.51
CA ALA A 48 23.30 9.87 -7.15
C ALA A 48 22.34 8.67 -7.01
N VAL A 49 22.04 8.01 -8.13
CA VAL A 49 21.04 6.93 -8.15
C VAL A 49 21.62 5.63 -8.69
N ARG A 50 21.28 4.51 -8.05
CA ARG A 50 21.67 3.19 -8.53
C ARG A 50 20.45 2.26 -8.66
N PHE A 51 20.45 1.41 -9.69
CA PHE A 51 19.37 0.42 -9.88
C PHE A 51 19.89 -1.00 -9.74
N PHE A 52 19.03 -1.87 -9.18
CA PHE A 52 19.34 -3.29 -9.02
C PHE A 52 18.13 -4.15 -9.40
N ALA A 53 18.42 -5.34 -9.92
CA ALA A 53 17.42 -6.37 -10.17
C ALA A 53 18.11 -7.74 -10.06
N SER A 54 17.68 -8.70 -10.88
CA SER A 54 18.40 -9.98 -11.02
C SER A 54 18.08 -10.66 -12.36
N ALA A 55 18.94 -11.59 -12.78
CA ALA A 55 18.79 -12.35 -14.03
C ALA A 55 18.05 -11.60 -15.15
N ARG A 60 19.45 -4.10 -19.07
CA ARG A 60 20.72 -3.93 -18.37
C ARG A 60 20.99 -2.45 -18.08
N LYS A 61 20.39 -1.57 -18.85
CA LYS A 61 20.42 -0.13 -18.57
C LYS A 61 19.02 0.47 -18.63
N LEU A 62 18.72 1.39 -17.71
CA LEU A 62 17.44 2.10 -17.71
C LEU A 62 17.67 3.57 -17.65
N ALA A 63 16.93 4.33 -18.45
CA ALA A 63 17.06 5.78 -18.48
C ALA A 63 16.52 6.40 -17.19
N PHE A 64 17.22 7.42 -16.70
CA PHE A 64 16.75 8.22 -15.57
C PHE A 64 17.30 9.64 -15.72
N ARG A 65 16.41 10.61 -15.99
CA ARG A 65 16.80 12.02 -16.10
C ARG A 65 18.09 12.28 -16.88
N GLY A 66 18.07 12.10 -18.19
CA GLY A 66 19.23 12.51 -18.99
C GLY A 66 20.45 11.61 -18.89
N GLN A 67 20.28 10.45 -18.26
CA GLN A 67 21.34 9.48 -18.17
C GLN A 67 20.82 8.05 -18.29
N GLU A 68 21.67 7.13 -18.73
CA GLU A 68 21.33 5.70 -18.72
C GLU A 68 22.02 5.00 -17.54
N ILE A 69 21.22 4.37 -16.67
CA ILE A 69 21.76 3.77 -15.44
C ILE A 69 21.84 2.26 -15.53
N GLU A 70 23.02 1.73 -15.20
CA GLU A 70 23.26 0.30 -15.15
C GLU A 70 22.32 -0.38 -14.16
N VAL A 71 21.70 -1.46 -14.59
CA VAL A 71 20.92 -2.29 -13.69
C VAL A 71 21.85 -3.35 -13.11
N GLU A 72 22.30 -3.10 -11.89
CA GLU A 72 23.22 -3.99 -11.19
C GLU A 72 22.52 -5.25 -10.68
N ASP A 73 23.30 -6.21 -10.23
CA ASP A 73 22.77 -7.46 -9.69
C ASP A 73 22.63 -7.31 -8.17
N ALA A 74 21.39 -7.41 -7.69
CA ALA A 74 21.10 -7.14 -6.27
C ALA A 74 21.84 -8.06 -5.31
N GLU A 75 22.03 -9.31 -5.74
CA GLU A 75 22.63 -10.34 -4.89
C GLU A 75 24.14 -10.17 -4.73
N THR A 76 24.83 -9.77 -5.80
CA THR A 76 26.29 -9.76 -5.80
C THR A 76 26.93 -8.37 -5.82
N ALA A 77 26.15 -7.33 -6.12
CA ALA A 77 26.71 -5.97 -6.16
C ALA A 77 27.09 -5.47 -4.78
N ASP A 78 28.08 -4.58 -4.73
CA ASP A 78 28.54 -4.02 -3.48
C ASP A 78 27.72 -2.78 -3.09
N PRO A 79 26.97 -2.87 -1.98
CA PRO A 79 26.04 -1.81 -1.59
C PRO A 79 26.67 -0.59 -0.93
N SER A 80 27.93 -0.70 -0.49
CA SER A 80 28.59 0.42 0.19
C SER A 80 28.63 1.67 -0.70
N GLY A 81 28.48 2.83 -0.07
CA GLY A 81 28.31 4.07 -0.81
C GLY A 81 26.86 4.52 -0.79
N LEU A 82 25.96 3.56 -0.93
CA LEU A 82 24.52 3.80 -0.79
C LEU A 82 24.16 4.28 0.62
N ASP A 83 23.47 5.40 0.72
CA ASP A 83 22.91 5.83 2.00
C ASP A 83 21.58 5.14 2.28
N ILE A 84 20.72 5.09 1.26
CA ILE A 84 19.38 4.53 1.37
C ILE A 84 19.12 3.59 0.20
N ALA A 85 18.59 2.39 0.48
CA ALA A 85 18.07 1.52 -0.56
C ALA A 85 16.55 1.30 -0.40
N LEU A 86 15.81 1.54 -1.49
CA LEU A 86 14.38 1.28 -1.54
C LEU A 86 14.20 -0.07 -2.20
N PHE A 87 13.69 -1.03 -1.44
CA PHE A 87 13.48 -2.38 -1.91
C PHE A 87 12.04 -2.54 -2.36
N SER A 88 11.85 -3.07 -3.58
CA SER A 88 10.59 -3.63 -3.96
C SER A 88 10.86 -4.82 -4.86
N ALA A 89 11.31 -5.89 -4.22
CA ALA A 89 11.80 -7.08 -4.92
C ALA A 89 11.27 -8.37 -4.30
N GLY A 90 10.17 -8.29 -3.55
CA GLY A 90 9.59 -9.47 -2.91
C GLY A 90 10.22 -9.77 -1.55
N SER A 91 9.59 -10.65 -0.78
CA SER A 91 10.05 -10.91 0.59
C SER A 91 11.26 -11.86 0.66
N ALA A 92 11.25 -12.91 -0.17
CA ALA A 92 12.36 -13.87 -0.22
C ALA A 92 13.71 -13.18 -0.43
N MET A 93 13.76 -12.28 -1.43
CA MET A 93 14.95 -11.47 -1.71
C MET A 93 15.30 -10.57 -0.53
N SER A 94 14.27 -10.00 0.10
CA SER A 94 14.48 -9.06 1.19
C SER A 94 15.08 -9.71 2.43
N LYS A 95 14.64 -10.92 2.75
CA LYS A 95 15.15 -11.65 3.92
C LYS A 95 16.66 -11.78 3.86
N VAL A 96 17.17 -12.10 2.67
CA VAL A 96 18.61 -12.25 2.45
C VAL A 96 19.32 -10.89 2.26
N GLN A 97 18.79 -10.04 1.38
CA GLN A 97 19.55 -8.88 0.90
C GLN A 97 19.47 -7.63 1.76
N ALA A 98 18.35 -7.45 2.47
CA ALA A 98 18.22 -6.29 3.35
C ALA A 98 19.28 -6.27 4.47
N PRO A 99 19.55 -7.43 5.14
CA PRO A 99 20.64 -7.43 6.12
C PRO A 99 22.02 -7.22 5.49
N ARG A 100 22.26 -7.80 4.31
CA ARG A 100 23.52 -7.60 3.58
C ARG A 100 23.74 -6.12 3.27
N PHE A 101 22.72 -5.45 2.72
CA PHE A 101 22.78 -4.00 2.49
C PHE A 101 22.97 -3.23 3.79
N ALA A 102 22.21 -3.59 4.83
CA ALA A 102 22.33 -2.92 6.13
C ALA A 102 23.72 -3.10 6.74
N ALA A 103 24.27 -4.31 6.64
CA ALA A 103 25.65 -4.60 7.06
C ALA A 103 26.66 -3.65 6.39
N ALA A 104 26.40 -3.29 5.14
CA ALA A 104 27.26 -2.35 4.41
C ALA A 104 26.94 -0.90 4.74
N GLY A 105 26.15 -0.69 5.78
CA GLY A 105 25.83 0.66 6.25
C GLY A 105 24.65 1.34 5.54
N VAL A 106 23.89 0.57 4.78
CA VAL A 106 22.74 1.14 4.06
C VAL A 106 21.45 1.08 4.90
N THR A 107 20.77 2.21 5.03
CA THR A 107 19.41 2.24 5.56
C THR A 107 18.43 1.69 4.52
N VAL A 108 17.86 0.51 4.82
CA VAL A 108 16.93 -0.15 3.91
C VAL A 108 15.47 0.20 4.23
N ILE A 109 14.74 0.68 3.22
CA ILE A 109 13.29 0.84 3.31
C ILE A 109 12.66 -0.20 2.39
N ASP A 110 12.01 -1.20 3.00
CA ASP A 110 11.55 -2.39 2.28
C ASP A 110 10.05 -2.43 2.02
N ASN A 111 9.67 -2.36 0.74
CA ASN A 111 8.29 -2.59 0.35
C ASN A 111 8.05 -4.07 0.13
N SER A 112 8.08 -4.84 1.20
CA SER A 112 7.67 -6.25 1.17
C SER A 112 7.16 -6.61 2.57
N SER A 113 6.64 -7.82 2.70
CA SER A 113 6.11 -8.26 3.99
C SER A 113 7.18 -8.87 4.89
N ALA A 114 8.42 -8.96 4.38
CA ALA A 114 9.50 -9.71 5.05
C ALA A 114 9.77 -9.28 6.49
N TRP A 115 9.78 -7.98 6.75
CA TRP A 115 10.20 -7.45 8.05
C TRP A 115 9.10 -6.78 8.83
N ARG A 116 7.86 -6.89 8.34
CA ARG A 116 6.73 -6.16 8.92
C ARG A 116 6.39 -6.62 10.34
N LYS A 117 6.55 -7.92 10.60
CA LYS A 117 6.25 -8.50 11.90
C LYS A 117 7.45 -8.53 12.86
N ASP A 118 8.58 -7.98 12.42
CA ASP A 118 9.78 -7.93 13.23
C ASP A 118 9.68 -6.80 14.25
N PRO A 119 9.76 -7.13 15.56
CA PRO A 119 9.66 -6.12 16.62
C PRO A 119 10.82 -5.12 16.61
N ASP A 120 11.91 -5.44 15.93
CA ASP A 120 13.03 -4.49 15.82
C ASP A 120 13.03 -3.71 14.50
N VAL A 121 11.96 -3.83 13.73
CA VAL A 121 11.80 -3.10 12.48
C VAL A 121 10.56 -2.22 12.55
N PRO A 122 10.73 -0.90 12.55
CA PRO A 122 9.58 0.01 12.52
C PRO A 122 8.74 -0.14 11.25
N LEU A 123 7.43 -0.13 11.40
CA LEU A 123 6.50 -0.24 10.27
C LEU A 123 5.83 1.11 10.11
N VAL A 124 6.26 1.87 9.09
CA VAL A 124 6.10 3.32 9.10
C VAL A 124 5.26 3.89 7.95
N VAL A 125 4.22 4.64 8.31
CA VAL A 125 3.53 5.50 7.36
C VAL A 125 4.10 6.89 7.60
N SER A 126 4.62 7.51 6.54
CA SER A 126 5.47 8.69 6.66
C SER A 126 4.92 9.81 7.55
N GLU A 127 3.65 10.16 7.39
CA GLU A 127 3.06 11.23 8.18
C GLU A 127 2.33 10.72 9.44
N VAL A 128 2.55 9.47 9.82
CA VAL A 128 1.84 8.90 10.96
C VAL A 128 2.78 8.59 12.13
N ASN A 129 3.73 7.70 11.93
CA ASN A 129 4.58 7.24 13.01
C ASN A 129 6.08 7.28 12.67
N PHE A 130 6.50 8.23 11.83
CA PHE A 130 7.93 8.39 11.54
C PHE A 130 8.70 8.81 12.80
N GLU A 131 8.35 9.97 13.34
CA GLU A 131 9.00 10.49 14.55
C GLU A 131 8.98 9.48 15.70
N ARG A 132 7.83 8.85 15.93
CA ARG A 132 7.69 7.87 17.00
C ARG A 132 8.56 6.62 16.81
N ASP A 133 8.56 6.05 15.61
CA ASP A 133 9.13 4.71 15.40
C ASP A 133 10.38 4.62 14.55
N ALA A 134 10.57 5.55 13.62
CA ALA A 134 11.57 5.38 12.55
C ALA A 134 13.03 5.38 13.02
N HIS A 135 13.33 6.20 14.03
CA HIS A 135 14.71 6.32 14.54
C HIS A 135 15.21 5.09 15.23
N ARG A 136 14.30 4.25 15.71
CA ARG A 136 14.72 3.00 16.35
C ARG A 136 14.76 1.86 15.35
N ARG A 137 15.92 1.67 14.72
CA ARG A 137 16.08 0.63 13.71
C ARG A 137 17.38 -0.13 13.86
N PRO A 138 17.47 -0.99 14.90
CA PRO A 138 18.71 -1.72 15.20
C PRO A 138 19.13 -2.70 14.10
N LYS A 139 18.22 -3.02 13.18
CA LYS A 139 18.56 -3.91 12.06
C LYS A 139 18.86 -3.12 10.77
N GLY A 140 18.79 -1.80 10.86
CA GLY A 140 19.01 -0.91 9.72
C GLY A 140 17.88 -0.93 8.70
N ILE A 141 16.75 -1.54 9.07
CA ILE A 141 15.61 -1.74 8.18
C ILE A 141 14.37 -0.99 8.65
N ILE A 142 13.69 -0.31 7.72
CA ILE A 142 12.35 0.22 7.94
C ILE A 142 11.41 -0.50 6.97
N ALA A 143 10.32 -1.06 7.50
CA ALA A 143 9.36 -1.77 6.67
C ALA A 143 8.27 -0.83 6.15
N ASN A 144 7.95 -0.98 4.87
CA ASN A 144 6.85 -0.27 4.23
C ASN A 144 5.58 -1.09 4.41
N PRO A 145 4.50 -0.47 4.91
CA PRO A 145 3.25 -1.17 5.17
C PRO A 145 2.51 -1.68 3.93
N ASN A 146 1.67 -2.69 4.16
CA ASN A 146 0.63 -3.15 3.25
C ASN A 146 -0.12 -1.98 2.61
N CYS A 147 -0.33 -2.04 1.29
CA CYS A 147 -0.97 -0.93 0.57
C CYS A 147 -2.39 -0.65 1.07
N THR A 148 -3.17 -1.71 1.25
CA THR A 148 -4.56 -1.55 1.67
C THR A 148 -4.66 -0.84 3.02
N THR A 149 -3.87 -1.28 3.98
CA THR A 149 -3.78 -0.62 5.28
C THR A 149 -3.25 0.79 5.13
N MET A 150 -2.22 0.95 4.31
CA MET A 150 -1.58 2.25 4.13
C MET A 150 -2.57 3.35 3.74
N ALA A 151 -3.50 3.04 2.84
CA ALA A 151 -4.45 4.04 2.36
C ALA A 151 -5.31 4.65 3.48
N ALA A 152 -5.64 3.82 4.48
CA ALA A 152 -6.48 4.27 5.60
C ALA A 152 -5.71 5.03 6.70
N MET A 153 -4.39 4.83 6.75
CA MET A 153 -3.60 5.33 7.90
C MET A 153 -3.53 6.84 8.08
N PRO A 154 -3.27 7.63 7.00
CA PRO A 154 -3.30 9.08 7.22
C PRO A 154 -4.66 9.61 7.63
N VAL A 155 -5.72 8.90 7.26
CA VAL A 155 -7.08 9.27 7.65
C VAL A 155 -7.34 8.90 9.11
N LEU A 156 -7.12 7.63 9.46
CA LEU A 156 -7.41 7.14 10.81
C LEU A 156 -6.53 7.79 11.90
N LYS A 157 -5.28 8.09 11.57
CA LYS A 157 -4.38 8.75 12.52
C LYS A 157 -4.97 10.04 13.06
N VAL A 158 -5.49 10.86 12.16
CA VAL A 158 -6.10 12.15 12.50
C VAL A 158 -7.33 11.94 13.39
N LEU A 159 -8.15 10.95 13.04
CA LEU A 159 -9.35 10.71 13.83
C LEU A 159 -8.99 10.09 15.19
N HIS A 160 -7.98 9.23 15.19
CA HIS A 160 -7.49 8.61 16.40
C HIS A 160 -6.93 9.64 17.36
N ASP A 161 -6.15 10.58 16.85
CA ASP A 161 -5.55 11.61 17.71
C ASP A 161 -6.62 12.42 18.41
N GLU A 162 -7.74 12.64 17.72
CA GLU A 162 -8.86 13.39 18.27
C GLU A 162 -9.69 12.62 19.32
N ALA A 163 -10.00 11.36 19.03
CA ALA A 163 -11.09 10.68 19.76
C ALA A 163 -10.75 9.28 20.30
N ARG A 164 -9.57 8.78 19.93
CA ARG A 164 -9.09 7.44 20.30
C ARG A 164 -9.85 6.32 19.60
N LEU A 165 -9.21 5.74 18.59
CA LEU A 165 -9.80 4.67 17.80
C LEU A 165 -9.75 3.36 18.60
N VAL A 166 -10.89 2.68 18.69
CA VAL A 166 -10.97 1.44 19.48
C VAL A 166 -11.39 0.21 18.67
N ARG A 167 -12.14 0.41 17.59
CA ARG A 167 -12.60 -0.72 16.77
C ARG A 167 -12.74 -0.33 15.30
N LEU A 168 -12.31 -1.25 14.43
CA LEU A 168 -12.53 -1.14 12.99
C LEU A 168 -13.27 -2.34 12.42
N VAL A 169 -14.23 -2.03 11.56
CA VAL A 169 -14.73 -2.96 10.56
C VAL A 169 -14.33 -2.39 9.20
N VAL A 170 -13.73 -3.22 8.34
CA VAL A 170 -13.25 -2.77 7.03
C VAL A 170 -13.66 -3.77 5.94
N SER A 171 -14.25 -3.27 4.87
CA SER A 171 -14.42 -4.04 3.64
C SER A 171 -13.68 -3.31 2.53
N SER A 172 -12.79 -4.02 1.82
CA SER A 172 -12.00 -3.38 0.79
C SER A 172 -12.52 -3.66 -0.62
N TYR A 173 -12.05 -2.83 -1.54
CA TYR A 173 -12.35 -2.94 -2.96
C TYR A 173 -10.97 -2.79 -3.59
N GLN A 174 -10.32 -3.93 -3.84
CA GLN A 174 -8.90 -3.91 -4.21
C GLN A 174 -8.63 -4.04 -5.72
N ALA A 175 -7.88 -3.07 -6.24
CA ALA A 175 -7.41 -3.07 -7.64
C ALA A 175 -6.39 -4.17 -7.91
N VAL A 176 -6.28 -4.58 -9.18
CA VAL A 176 -5.44 -5.71 -9.56
C VAL A 176 -3.94 -5.44 -9.63
N SER A 177 -3.55 -4.16 -9.75
CA SER A 177 -2.14 -3.83 -9.89
C SER A 177 -1.36 -4.12 -8.60
N GLY A 178 -2.07 -4.24 -7.50
CA GLY A 178 -1.49 -4.74 -6.26
C GLY A 178 -0.86 -6.13 -6.42
N SER A 179 -1.31 -6.89 -7.42
CA SER A 179 -0.78 -8.22 -7.67
C SER A 179 0.39 -8.20 -8.68
N GLY A 180 0.92 -7.01 -8.97
CA GLY A 180 1.96 -6.87 -9.99
C GLY A 180 1.39 -6.95 -11.40
N LEU A 181 2.27 -6.99 -12.38
CA LEU A 181 1.86 -7.05 -13.79
C LEU A 181 0.87 -8.18 -14.08
N ALA A 182 1.01 -9.32 -13.40
CA ALA A 182 0.13 -10.48 -13.61
C ALA A 182 -1.35 -10.19 -13.33
N GLY A 183 -1.64 -9.35 -12.34
CA GLY A 183 -3.03 -8.97 -12.05
C GLY A 183 -3.61 -8.10 -13.16
N VAL A 184 -2.82 -7.12 -13.59
CA VAL A 184 -3.17 -6.22 -14.70
C VAL A 184 -3.52 -7.02 -15.96
N ALA A 185 -2.64 -7.97 -16.31
CA ALA A 185 -2.83 -8.77 -17.52
C ALA A 185 -4.05 -9.68 -17.40
N GLU A 186 -4.27 -10.25 -16.22
CA GLU A 186 -5.41 -11.13 -16.01
C GLU A 186 -6.72 -10.35 -16.23
N LEU A 187 -6.81 -9.15 -15.66
CA LEU A 187 -8.00 -8.30 -15.82
C LEU A 187 -8.20 -7.89 -17.28
N ALA A 188 -7.14 -7.33 -17.89
CA ALA A 188 -7.21 -6.84 -19.27
C ALA A 188 -7.60 -7.95 -20.26
N GLU A 189 -6.97 -9.11 -20.13
CA GLU A 189 -7.22 -10.19 -21.08
C GLU A 189 -8.65 -10.76 -20.95
N GLN A 190 -9.15 -10.86 -19.72
CA GLN A 190 -10.53 -11.33 -19.52
C GLN A 190 -11.54 -10.34 -20.08
N ALA A 191 -11.34 -9.06 -19.76
CA ALA A 191 -12.23 -8.01 -20.23
C ALA A 191 -12.29 -8.00 -21.78
N ARG A 192 -11.11 -8.04 -22.42
CA ARG A 192 -11.02 -8.09 -23.89
C ARG A 192 -11.69 -9.31 -24.49
N ALA A 193 -11.57 -10.44 -23.81
CA ALA A 193 -12.16 -11.68 -24.29
C ALA A 193 -13.69 -11.70 -24.25
N VAL A 194 -14.29 -11.03 -23.27
CA VAL A 194 -15.74 -11.16 -23.07
C VAL A 194 -16.52 -9.90 -23.39
N ILE A 195 -15.82 -8.78 -23.59
CA ILE A 195 -16.49 -7.49 -23.79
C ILE A 195 -17.56 -7.54 -24.90
N GLY A 196 -17.28 -8.29 -25.96
CA GLY A 196 -18.19 -8.43 -27.10
C GLY A 196 -19.58 -8.93 -26.75
N GLY A 197 -19.68 -9.85 -25.79
CA GLY A 197 -20.98 -10.41 -25.40
C GLY A 197 -21.42 -10.00 -24.00
N ALA A 198 -20.84 -8.91 -23.50
CA ALA A 198 -20.95 -8.50 -22.08
C ALA A 198 -22.39 -8.47 -21.54
N GLU A 199 -23.32 -7.94 -22.32
CA GLU A 199 -24.70 -7.78 -21.88
C GLU A 199 -25.39 -9.11 -21.53
N GLN A 200 -24.87 -10.22 -22.06
CA GLN A 200 -25.42 -11.53 -21.71
C GLN A 200 -25.22 -11.88 -20.24
N LEU A 201 -24.20 -11.28 -19.63
CA LEU A 201 -23.91 -11.47 -18.19
C LEU A 201 -25.03 -10.90 -17.30
N VAL A 202 -25.90 -10.07 -17.87
CA VAL A 202 -27.07 -9.56 -17.16
C VAL A 202 -28.00 -10.70 -16.73
N TYR A 203 -28.09 -11.74 -17.56
CA TYR A 203 -29.05 -12.83 -17.30
C TYR A 203 -28.40 -14.15 -16.97
N ASP A 204 -27.11 -14.28 -17.29
CA ASP A 204 -26.40 -15.54 -17.09
C ASP A 204 -24.91 -15.24 -16.93
N GLY A 205 -24.44 -15.32 -15.69
CA GLY A 205 -23.04 -15.06 -15.38
C GLY A 205 -22.08 -16.07 -16.00
N GLY A 206 -22.61 -17.23 -16.41
CA GLY A 206 -21.80 -18.24 -17.09
C GLY A 206 -22.04 -18.30 -18.59
N ALA A 207 -22.64 -17.26 -19.16
CA ALA A 207 -22.95 -17.22 -20.60
C ALA A 207 -21.71 -17.17 -21.50
N LEU A 208 -20.64 -16.56 -21.01
CA LEU A 208 -19.48 -16.23 -21.86
C LEU A 208 -18.27 -17.11 -21.56
N GLU A 209 -17.26 -17.00 -22.43
CA GLU A 209 -16.04 -17.79 -22.32
C GLU A 209 -14.89 -16.97 -21.75
N PHE A 210 -14.67 -17.06 -20.45
CA PHE A 210 -13.56 -16.35 -19.81
C PHE A 210 -12.27 -17.11 -20.00
N PRO A 211 -11.17 -16.41 -20.37
CA PRO A 211 -9.85 -17.04 -20.26
C PRO A 211 -9.67 -17.51 -18.81
N PRO A 212 -9.20 -18.75 -18.61
CA PRO A 212 -9.15 -19.31 -17.25
C PRO A 212 -8.31 -18.43 -16.31
N PRO A 213 -8.85 -18.13 -15.11
CA PRO A 213 -8.10 -17.40 -14.10
C PRO A 213 -6.78 -18.10 -13.76
N ASN A 214 -5.77 -17.33 -13.39
CA ASN A 214 -4.49 -17.88 -12.99
C ASN A 214 -4.05 -17.34 -11.63
N THR A 215 -4.00 -16.02 -11.53
CA THR A 215 -3.64 -15.34 -10.30
C THR A 215 -4.77 -15.41 -9.26
N TYR A 216 -6.01 -15.20 -9.71
CA TYR A 216 -7.16 -15.09 -8.81
C TYR A 216 -8.03 -16.34 -8.82
N VAL A 217 -8.83 -16.52 -7.77
CA VAL A 217 -9.59 -17.78 -7.56
C VAL A 217 -10.84 -17.86 -8.43
N ALA A 218 -11.14 -16.75 -9.11
CA ALA A 218 -12.31 -16.66 -9.99
C ALA A 218 -12.03 -15.56 -11.02
N PRO A 219 -12.85 -15.47 -12.09
CA PRO A 219 -12.66 -14.36 -13.02
C PRO A 219 -12.80 -13.02 -12.29
N ILE A 220 -12.01 -12.05 -12.68
CA ILE A 220 -12.05 -10.73 -12.07
C ILE A 220 -12.82 -9.72 -12.94
N ALA A 221 -12.66 -9.77 -14.26
CA ALA A 221 -13.43 -8.85 -15.15
C ALA A 221 -14.92 -9.06 -14.93
N PHE A 222 -15.65 -7.96 -14.69
CA PHE A 222 -17.10 -8.00 -14.52
C PHE A 222 -17.56 -8.91 -13.36
N ASN A 223 -16.72 -8.97 -12.33
CA ASN A 223 -16.93 -9.80 -11.16
C ASN A 223 -16.41 -9.08 -9.91
N VAL A 224 -16.79 -9.54 -8.73
CA VAL A 224 -16.03 -9.22 -7.52
C VAL A 224 -15.64 -10.54 -6.86
N VAL A 225 -14.47 -10.56 -6.23
CA VAL A 225 -13.92 -11.80 -5.70
C VAL A 225 -13.50 -11.59 -4.24
N PRO A 226 -14.31 -12.09 -3.28
CA PRO A 226 -14.05 -11.90 -1.86
C PRO A 226 -13.02 -12.90 -1.33
N LEU A 227 -11.82 -12.80 -1.88
CA LEU A 227 -10.71 -13.64 -1.49
C LEU A 227 -9.44 -13.02 -2.04
N ALA A 228 -8.62 -12.50 -1.13
CA ALA A 228 -7.33 -11.93 -1.47
C ALA A 228 -6.30 -12.48 -0.50
N GLY A 229 -5.33 -13.24 -1.02
CA GLY A 229 -4.26 -13.79 -0.19
C GLY A 229 -4.41 -15.28 0.09
N SER A 230 -3.52 -15.79 0.94
CA SER A 230 -3.54 -17.18 1.38
C SER A 230 -4.29 -17.27 2.69
N LEU A 231 -5.05 -18.35 2.85
CA LEU A 231 -5.72 -18.62 4.12
C LEU A 231 -4.69 -18.93 5.20
N VAL A 232 -4.72 -18.15 6.28
CA VAL A 232 -3.81 -18.32 7.41
C VAL A 232 -4.13 -19.64 8.10
N ASP A 233 -3.08 -20.36 8.48
CA ASP A 233 -3.23 -21.69 9.05
C ASP A 233 -3.49 -21.62 10.57
N ASP A 234 -4.59 -20.98 10.95
CA ASP A 234 -4.88 -20.72 12.36
C ASP A 234 -6.33 -20.99 12.69
N GLY A 235 -7.04 -21.67 11.80
CA GLY A 235 -8.45 -21.94 11.97
C GLY A 235 -9.41 -20.75 11.86
N SER A 236 -8.89 -19.56 11.53
CA SER A 236 -9.76 -18.36 11.48
C SER A 236 -10.66 -18.23 10.25
N GLY A 237 -10.23 -18.76 9.11
CA GLY A 237 -10.93 -18.52 7.84
C GLY A 237 -10.50 -17.21 7.18
N GLU A 238 -9.57 -16.51 7.82
CA GLU A 238 -9.06 -15.23 7.32
C GLU A 238 -7.87 -15.46 6.40
N THR A 239 -7.69 -14.57 5.44
CA THR A 239 -6.49 -14.60 4.62
C THR A 239 -5.41 -13.75 5.30
N ASP A 240 -4.15 -13.90 4.85
CA ASP A 240 -3.06 -13.06 5.34
C ASP A 240 -3.37 -11.59 5.09
N GLU A 241 -4.08 -11.32 4.01
CA GLU A 241 -4.47 -9.94 3.71
C GLU A 241 -5.55 -9.40 4.65
N ASP A 242 -6.55 -10.23 4.94
CA ASP A 242 -7.53 -9.88 5.98
C ASP A 242 -6.80 -9.50 7.28
N GLN A 243 -5.82 -10.30 7.68
CA GLN A 243 -5.14 -10.14 8.96
C GLN A 243 -4.15 -8.97 9.00
N LYS A 244 -3.57 -8.63 7.86
CA LYS A 244 -2.70 -7.45 7.76
C LYS A 244 -3.42 -6.19 8.23
N LEU A 245 -4.69 -6.06 7.90
CA LEU A 245 -5.48 -4.93 8.35
C LEU A 245 -5.45 -4.81 9.87
N ARG A 246 -5.44 -5.95 10.55
CA ARG A 246 -5.37 -6.00 12.01
C ARG A 246 -3.95 -5.71 12.50
N PHE A 247 -3.01 -6.60 12.15
CA PHE A 247 -1.63 -6.48 12.64
C PHE A 247 -0.98 -5.14 12.31
N GLU A 248 -1.15 -4.68 11.08
CA GLU A 248 -0.42 -3.48 10.67
C GLU A 248 -1.04 -2.19 11.18
N SER A 249 -2.37 -2.10 11.20
CA SER A 249 -3.03 -0.99 11.88
C SER A 249 -2.57 -0.85 13.34
N ARG A 250 -2.51 -1.97 14.05
CA ARG A 250 -2.06 -1.99 15.45
C ARG A 250 -0.66 -1.39 15.58
N LYS A 251 0.29 -1.92 14.80
CA LYS A 251 1.68 -1.49 14.85
C LYS A 251 1.83 -0.03 14.43
N ILE A 252 1.20 0.35 13.32
CA ILE A 252 1.35 1.70 12.79
C ILE A 252 0.72 2.73 13.73
N LEU A 253 -0.50 2.48 14.16
CA LEU A 253 -1.18 3.46 15.02
C LEU A 253 -0.71 3.37 16.48
N GLY A 254 0.02 2.29 16.81
CA GLY A 254 0.49 2.07 18.18
C GLY A 254 -0.69 1.77 19.11
N ILE A 255 -1.57 0.88 18.68
CA ILE A 255 -2.71 0.44 19.47
C ILE A 255 -2.68 -1.08 19.49
N PRO A 256 -1.89 -1.67 20.40
CA PRO A 256 -1.63 -3.11 20.40
C PRO A 256 -2.89 -3.96 20.53
N ASP A 257 -3.94 -3.42 21.15
CA ASP A 257 -5.15 -4.21 21.38
C ASP A 257 -6.31 -3.79 20.47
N LEU A 258 -6.01 -3.03 19.42
CA LEU A 258 -7.06 -2.56 18.51
C LEU A 258 -7.90 -3.73 17.99
N LEU A 259 -9.22 -3.56 18.05
CA LEU A 259 -10.15 -4.55 17.53
C LEU A 259 -10.36 -4.31 16.03
N VAL A 260 -10.11 -5.33 15.21
CA VAL A 260 -10.22 -5.20 13.75
C VAL A 260 -10.84 -6.43 13.11
N SER A 261 -11.80 -6.19 12.23
CA SER A 261 -12.37 -7.21 11.38
C SER A 261 -12.33 -6.69 9.94
N GLY A 262 -11.50 -7.30 9.09
CA GLY A 262 -11.39 -6.87 7.70
C GLY A 262 -11.75 -7.94 6.69
N THR A 263 -12.36 -7.52 5.58
CA THR A 263 -12.64 -8.42 4.49
C THR A 263 -12.05 -7.85 3.20
N CYS A 264 -11.03 -8.52 2.67
CA CYS A 264 -10.39 -8.05 1.43
C CYS A 264 -11.11 -8.63 0.21
N VAL A 265 -11.59 -7.74 -0.66
CA VAL A 265 -12.34 -8.15 -1.84
C VAL A 265 -11.72 -7.52 -3.09
N ARG A 266 -11.50 -8.35 -4.12
CA ARG A 266 -10.90 -7.88 -5.38
C ARG A 266 -12.01 -7.38 -6.31
N VAL A 267 -11.74 -6.28 -6.99
CA VAL A 267 -12.68 -5.67 -7.93
C VAL A 267 -11.97 -5.39 -9.27
N PRO A 268 -12.74 -5.24 -10.37
CA PRO A 268 -12.10 -5.02 -11.69
C PRO A 268 -11.62 -3.58 -11.88
N VAL A 269 -10.63 -3.22 -11.09
CA VAL A 269 -10.05 -1.88 -11.16
C VAL A 269 -8.56 -2.09 -11.35
N PHE A 270 -7.93 -1.25 -12.17
CA PHE A 270 -6.51 -1.39 -12.43
C PHE A 270 -5.63 -0.94 -11.27
N THR A 271 -5.77 0.32 -10.87
CA THR A 271 -5.05 0.86 -9.72
C THR A 271 -6.00 1.67 -8.85
N GLY A 272 -5.82 1.58 -7.53
CA GLY A 272 -6.63 2.32 -6.57
C GLY A 272 -7.37 1.37 -5.67
N HIS A 273 -6.96 1.30 -4.41
CA HIS A 273 -7.66 0.48 -3.43
C HIS A 273 -8.63 1.35 -2.73
N SER A 274 -9.81 0.80 -2.44
CA SER A 274 -10.82 1.52 -1.67
C SER A 274 -11.25 0.73 -0.43
N LEU A 275 -11.68 1.45 0.60
CA LEU A 275 -12.06 0.86 1.89
C LEU A 275 -13.35 1.49 2.43
N SER A 276 -14.34 0.65 2.69
CA SER A 276 -15.51 1.04 3.46
C SER A 276 -15.21 0.71 4.93
N ILE A 277 -15.07 1.77 5.73
CA ILE A 277 -14.57 1.67 7.10
C ILE A 277 -15.66 2.09 8.10
N ASN A 278 -16.00 1.18 9.00
CA ASN A 278 -16.77 1.55 10.17
C ASN A 278 -15.84 1.63 11.38
N ALA A 279 -15.63 2.84 11.86
CA ALA A 279 -14.65 3.12 12.90
C ALA A 279 -15.35 3.58 14.17
N GLU A 280 -14.97 2.96 15.29
CA GLU A 280 -15.53 3.33 16.58
C GLU A 280 -14.45 3.95 17.48
N PHE A 281 -14.84 5.01 18.19
CA PHE A 281 -13.91 5.77 19.03
C PHE A 281 -14.31 5.72 20.49
N ALA A 282 -13.39 6.13 21.37
CA ALA A 282 -13.61 6.11 22.81
C ALA A 282 -14.46 7.27 23.31
N GLN A 283 -14.68 8.27 22.45
CA GLN A 283 -15.54 9.41 22.78
C GLN A 283 -16.33 9.80 21.54
N PRO A 284 -17.41 10.58 21.70
CA PRO A 284 -18.20 10.95 20.53
C PRO A 284 -17.37 11.69 19.48
N LEU A 285 -17.60 11.37 18.21
CA LEU A 285 -16.96 12.06 17.09
C LEU A 285 -17.98 12.16 15.97
N SER A 286 -18.39 13.38 15.65
CA SER A 286 -19.41 13.63 14.66
C SER A 286 -18.81 13.68 13.25
N PRO A 287 -19.63 13.39 12.22
CA PRO A 287 -19.18 13.49 10.83
C PRO A 287 -18.63 14.89 10.51
N GLU A 288 -19.33 15.92 10.99
CA GLU A 288 -18.91 17.32 10.82
C GLU A 288 -17.48 17.56 11.36
N ARG A 289 -17.23 17.07 12.58
CA ARG A 289 -15.92 17.24 13.19
C ARG A 289 -14.85 16.42 12.45
N ALA A 290 -15.21 15.20 12.06
CA ALA A 290 -14.32 14.38 11.26
C ALA A 290 -13.94 15.10 9.97
N ARG A 291 -14.93 15.70 9.29
CA ARG A 291 -14.66 16.45 8.05
C ARG A 291 -13.72 17.63 8.27
N GLU A 292 -13.95 18.37 9.36
CA GLU A 292 -13.12 19.51 9.73
C GLU A 292 -11.66 19.11 9.97
N LEU A 293 -11.44 17.98 10.65
CA LEU A 293 -10.08 17.49 10.91
C LEU A 293 -9.38 16.97 9.66
N LEU A 294 -10.14 16.31 8.79
CA LEU A 294 -9.56 15.67 7.63
C LEU A 294 -9.27 16.67 6.51
N ASP A 295 -10.05 17.74 6.43
CA ASP A 295 -9.86 18.82 5.47
C ASP A 295 -8.46 19.44 5.57
N GLY A 296 -8.00 19.69 6.79
CA GLY A 296 -6.61 20.13 7.02
C GLY A 296 -5.51 19.13 6.66
N ALA A 297 -5.79 17.84 6.88
CA ALA A 297 -4.78 16.79 7.06
C ALA A 297 -3.78 16.53 5.93
N THR A 298 -2.52 16.30 6.34
CA THR A 298 -1.43 15.86 5.48
C THR A 298 -1.75 14.50 4.83
N GLY A 299 -1.54 14.42 3.51
CA GLY A 299 -1.73 13.18 2.76
C GLY A 299 -3.18 12.78 2.56
N VAL A 300 -4.09 13.72 2.82
CA VAL A 300 -5.53 13.45 2.78
C VAL A 300 -6.20 14.52 1.94
N GLN A 301 -7.20 14.10 1.16
CA GLN A 301 -8.09 15.03 0.49
C GLN A 301 -9.53 14.64 0.75
N LEU A 302 -10.28 15.57 1.33
CA LEU A 302 -11.70 15.39 1.57
C LEU A 302 -12.49 15.59 0.26
N VAL A 303 -13.24 14.57 -0.15
CA VAL A 303 -14.08 14.67 -1.35
C VAL A 303 -15.48 14.09 -1.07
N ASP A 304 -16.46 14.46 -1.86
CA ASP A 304 -17.81 13.91 -1.69
C ASP A 304 -17.85 12.40 -1.93
N VAL A 305 -17.29 11.97 -3.07
CA VAL A 305 -17.38 10.58 -3.52
C VAL A 305 -16.00 10.10 -3.97
N PRO A 306 -15.21 9.52 -3.04
CA PRO A 306 -13.89 9.00 -3.38
C PRO A 306 -14.01 7.85 -4.39
N THR A 307 -13.13 7.82 -5.38
CA THR A 307 -13.10 6.72 -6.34
C THR A 307 -11.66 6.35 -6.66
N PRO A 308 -11.41 5.08 -6.98
CA PRO A 308 -10.06 4.67 -7.35
C PRO A 308 -9.56 5.34 -8.65
N LEU A 309 -10.45 5.58 -9.62
CA LEU A 309 -10.03 6.32 -10.82
C LEU A 309 -9.49 7.72 -10.50
N ALA A 310 -10.13 8.43 -9.57
CA ALA A 310 -9.63 9.76 -9.15
C ALA A 310 -8.35 9.63 -8.33
N ALA A 311 -8.23 8.55 -7.57
CA ALA A 311 -7.04 8.33 -6.73
C ALA A 311 -5.82 7.88 -7.54
N ALA A 312 -6.05 7.11 -8.61
CA ALA A 312 -4.95 6.57 -9.43
C ALA A 312 -4.15 7.70 -10.08
N GLY A 313 -2.89 7.84 -9.67
CA GLY A 313 -2.02 8.86 -10.25
C GLY A 313 -1.85 10.09 -9.40
N VAL A 314 -2.59 10.18 -8.28
CA VAL A 314 -2.36 11.27 -7.32
C VAL A 314 -1.82 10.69 -6.00
N ASP A 315 -1.44 11.58 -5.09
CA ASP A 315 -0.71 11.21 -3.89
C ASP A 315 -1.57 11.04 -2.62
N GLU A 316 -2.63 11.82 -2.50
CA GLU A 316 -3.40 11.80 -1.26
C GLU A 316 -4.43 10.68 -1.19
N SER A 317 -4.81 10.31 0.03
CA SER A 317 -5.95 9.46 0.28
C SER A 317 -7.20 10.29 0.16
N LEU A 318 -8.13 9.82 -0.66
CA LEU A 318 -9.42 10.48 -0.83
C LEU A 318 -10.40 9.91 0.20
N VAL A 319 -11.10 10.80 0.89
CA VAL A 319 -12.01 10.40 1.95
C VAL A 319 -13.31 11.20 1.89
N GLY A 320 -14.42 10.50 2.11
CA GLY A 320 -15.74 11.12 2.08
C GLY A 320 -16.78 10.12 2.52
N ARG A 321 -18.04 10.42 2.21
CA ARG A 321 -19.17 9.64 2.68
C ARG A 321 -19.10 9.39 4.19
N ILE A 322 -18.74 10.42 4.94
CA ILE A 322 -18.62 10.30 6.39
C ILE A 322 -20.00 10.44 7.01
N ARG A 323 -20.43 9.37 7.70
CA ARG A 323 -21.75 9.32 8.36
C ARG A 323 -21.58 8.79 9.78
N ARG A 324 -22.55 9.09 10.65
CA ARG A 324 -22.65 8.41 11.94
C ARG A 324 -23.06 6.96 11.71
N ASP A 325 -22.43 6.06 12.46
CA ASP A 325 -22.84 4.66 12.54
C ASP A 325 -23.73 4.52 13.78
N PRO A 326 -25.05 4.40 13.59
CA PRO A 326 -25.98 4.35 14.73
C PRO A 326 -25.87 3.07 15.56
N GLY A 327 -25.09 2.09 15.07
CA GLY A 327 -24.85 0.86 15.81
C GLY A 327 -23.88 1.04 16.96
N VAL A 328 -23.22 2.19 17.02
CA VAL A 328 -22.37 2.55 18.14
C VAL A 328 -23.08 3.62 18.98
N PRO A 329 -23.24 3.37 20.30
CA PRO A 329 -23.97 4.32 21.16
C PRO A 329 -23.35 5.70 21.22
N ASP A 330 -24.19 6.72 21.34
CA ASP A 330 -23.76 8.08 21.73
C ASP A 330 -22.87 8.79 20.71
N GLY A 331 -22.97 8.41 19.43
CA GLY A 331 -22.21 9.11 18.39
C GLY A 331 -20.71 8.85 18.45
N ARG A 332 -20.31 7.70 18.98
CA ARG A 332 -18.88 7.33 19.00
C ARG A 332 -18.45 6.53 17.75
N GLY A 333 -19.39 6.30 16.84
CA GLY A 333 -19.10 5.51 15.64
C GLY A 333 -19.32 6.23 14.33
N LEU A 334 -18.37 6.07 13.42
CA LEU A 334 -18.50 6.61 12.07
C LEU A 334 -18.48 5.51 10.99
N ALA A 335 -19.09 5.83 9.86
CA ALA A 335 -18.88 5.10 8.62
C ALA A 335 -18.23 6.10 7.67
N LEU A 336 -17.17 5.69 6.98
CA LEU A 336 -16.48 6.56 6.02
C LEU A 336 -15.84 5.74 4.89
N PHE A 337 -15.54 6.38 3.78
CA PHE A 337 -15.02 5.69 2.61
C PHE A 337 -13.72 6.32 2.13
N VAL A 338 -12.73 5.48 1.82
CA VAL A 338 -11.40 5.95 1.42
C VAL A 338 -10.98 5.29 0.10
N SER A 339 -10.38 6.08 -0.80
CA SER A 339 -9.68 5.54 -1.99
C SER A 339 -8.25 6.08 -2.04
N GLY A 340 -7.31 5.21 -2.37
CA GLY A 340 -5.93 5.62 -2.50
C GLY A 340 -5.20 4.77 -3.53
N ASP A 341 -4.21 5.38 -4.18
CA ASP A 341 -3.39 4.70 -5.17
C ASP A 341 -2.48 3.70 -4.47
N ASN A 342 -2.64 2.42 -4.81
CA ASN A 342 -1.89 1.36 -4.16
C ASN A 342 -0.41 1.28 -4.61
N LEU A 343 -0.07 1.89 -5.74
CA LEU A 343 1.33 1.91 -6.22
C LEU A 343 2.11 3.13 -5.74
N ARG A 344 1.39 4.22 -5.52
CA ARG A 344 1.97 5.47 -5.06
C ARG A 344 2.04 5.49 -3.53
N LYS A 345 1.12 6.20 -2.85
CA LYS A 345 1.14 6.18 -1.38
C LYS A 345 1.18 4.77 -0.82
N GLY A 346 0.48 3.85 -1.47
CA GLY A 346 0.41 2.46 -1.02
C GLY A 346 1.69 1.66 -1.16
N ALA A 347 2.66 2.19 -1.91
CA ALA A 347 3.96 1.52 -2.04
C ALA A 347 5.09 2.51 -2.24
N ALA A 348 5.30 2.95 -3.49
CA ALA A 348 6.47 3.75 -3.86
C ALA A 348 6.58 5.06 -3.11
N LEU A 349 5.50 5.85 -3.10
CA LEU A 349 5.55 7.19 -2.53
C LEU A 349 5.94 7.19 -1.07
N ASN A 350 5.32 6.30 -0.29
CA ASN A 350 5.62 6.25 1.13
C ASN A 350 7.10 5.97 1.41
N THR A 351 7.73 5.08 0.64
CA THR A 351 9.16 4.80 0.84
C THR A 351 9.99 6.06 0.59
N ILE A 352 9.63 6.81 -0.45
CA ILE A 352 10.34 8.04 -0.78
C ILE A 352 10.10 9.14 0.26
N GLN A 353 8.86 9.25 0.75
CA GLN A 353 8.54 10.19 1.83
C GLN A 353 9.33 9.91 3.11
N ILE A 354 9.55 8.62 3.39
CA ILE A 354 10.38 8.20 4.52
C ILE A 354 11.82 8.64 4.26
N ALA A 355 12.30 8.38 3.03
CA ALA A 355 13.66 8.76 2.64
C ALA A 355 13.88 10.27 2.77
N GLU A 356 12.87 11.06 2.40
CA GLU A 356 12.98 12.50 2.55
C GLU A 356 13.11 12.90 4.02
N LEU A 357 12.27 12.31 4.87
CA LEU A 357 12.28 12.60 6.30
C LEU A 357 13.57 12.15 6.97
N LEU A 358 14.19 11.10 6.45
CA LEU A 358 15.49 10.67 6.94
C LEU A 358 16.61 11.67 6.61
N THR A 359 16.40 12.52 5.60
CA THR A 359 17.45 13.38 5.07
C THR A 359 16.96 14.81 4.87
#